data_6D0G
#
_entry.id   6D0G
#
_cell.length_a   41.883
_cell.length_b   73.616
_cell.length_c   202.741
_cell.angle_alpha   90.00
_cell.angle_beta   90.00
_cell.angle_gamma   90.00
#
_symmetry.space_group_name_H-M   'C 2 2 21'
#
loop_
_entity.id
_entity.type
_entity.pdbx_description
1 polymer 'Pirin family protein'
2 non-polymer 'MANGANESE (II) ION'
3 non-polymer 'BROMIDE ION'
4 water water
#
_entity_poly.entity_id   1
_entity_poly.type   'polypeptide(L)'
_entity_poly.pdbx_seq_one_letter_code
;SNA(MSE)SNNNDYDISDSKDCEKFANQFIQEFPIRSAEIGQGTVIKRALPSRQKR(MSE)IGAWCFLDHAGPVTFPAGN
GLDVGPHPHIGLQTFTW(MSE)IEGT(MSE)(MSE)HTDSLGSKQLIRPKQVNL(MSE)TAGHGISHTEVAPDTETQ
(MSE)HAAQLWIALPDHKRN(MSE)DPKFEHYPDLPVVEKDGLEFTVLVGEYLETTSPVVVHTPLVGVDLIATQDTKTRI
PLNPEFEYGF(MSE)ALDGVAHVNGHELTADN(MSE)VVLDTGLNEIEIEVKKGNRVLLIGGEPFETPILLWWNFVART
(MSE)DDLKEAREQWVNHDVRFGEIPDYVGARLEAPVLPDQ(MSE)RASK
;
_entity_poly.pdbx_strand_id   A
#
loop_
_chem_comp.id
_chem_comp.type
_chem_comp.name
_chem_comp.formula
BR non-polymer 'BROMIDE ION' 'Br -1'
MN non-polymer 'MANGANESE (II) ION' 'Mn 2'
#
# COMPACT_ATOMS: atom_id res chain seq x y z
N LYS A 20 -16.29 6.23 23.96
CA LYS A 20 -15.69 7.32 24.80
C LYS A 20 -14.19 7.11 25.12
N PHE A 21 -13.83 5.92 25.59
CA PHE A 21 -12.44 5.57 25.94
C PHE A 21 -11.56 5.47 24.68
N ALA A 22 -12.09 4.84 23.65
CA ALA A 22 -11.38 4.65 22.39
C ALA A 22 -11.00 5.95 21.68
N ASN A 23 -11.85 6.97 21.81
CA ASN A 23 -11.66 8.25 21.13
C ASN A 23 -10.35 9.00 21.51
N GLN A 24 -9.72 8.64 22.63
CA GLN A 24 -8.45 9.28 23.01
C GLN A 24 -7.26 8.68 22.20
N PHE A 25 -7.50 7.56 21.52
CA PHE A 25 -6.49 6.91 20.68
C PHE A 25 -6.72 7.16 19.19
N ILE A 26 -7.76 7.92 18.85
CA ILE A 26 -8.16 8.14 17.46
C ILE A 26 -7.86 9.54 16.91
N GLN A 27 -7.39 9.56 15.67
CA GLN A 27 -7.12 10.78 14.93
C GLN A 27 -7.71 10.57 13.54
N GLU A 28 -8.27 11.62 12.97
CA GLU A 28 -8.81 11.58 11.62
C GLU A 28 -8.19 12.72 10.85
N PHE A 29 -7.87 12.50 9.58
CA PHE A 29 -7.31 13.57 8.77
C PHE A 29 -7.66 13.36 7.29
N PRO A 30 -7.77 14.48 6.55
CA PRO A 30 -8.10 14.34 5.14
C PRO A 30 -6.93 13.76 4.36
N ILE A 31 -7.23 13.09 3.24
CA ILE A 31 -6.21 12.57 2.35
C ILE A 31 -6.33 13.32 1.03
N ARG A 32 -5.24 13.37 0.27
CA ARG A 32 -5.13 14.21 -0.92
C ARG A 32 -5.16 13.46 -2.25
N SER A 33 -5.47 14.19 -3.32
N SER A 33 -5.44 14.22 -3.31
CA SER A 33 -5.45 13.60 -4.66
CA SER A 33 -5.42 13.69 -4.66
C SER A 33 -4.03 13.74 -5.22
C SER A 33 -3.98 13.73 -5.17
N ALA A 34 -3.61 12.77 -6.01
CA ALA A 34 -2.27 12.75 -6.60
C ALA A 34 -2.31 11.98 -7.91
N GLU A 35 -1.33 12.22 -8.77
CA GLU A 35 -1.26 11.56 -10.08
C GLU A 35 -0.15 10.51 -10.16
N ILE A 36 -0.46 9.39 -10.79
CA ILE A 36 0.51 8.33 -11.05
C ILE A 36 0.45 8.03 -12.55
N GLY A 37 1.51 7.43 -13.07
CA GLY A 37 1.57 7.08 -14.50
C GLY A 37 1.41 8.31 -15.37
N GLN A 38 0.50 8.22 -16.35
CA GLN A 38 0.24 9.30 -17.30
C GLN A 38 -1.00 10.10 -16.90
N GLY A 39 -0.95 10.74 -15.74
CA GLY A 39 -2.05 11.58 -15.27
C GLY A 39 -3.26 10.89 -14.68
N THR A 40 -3.09 9.65 -14.24
CA THR A 40 -4.19 8.92 -13.60
C THR A 40 -4.30 9.46 -12.18
N VAL A 41 -5.49 9.92 -11.82
CA VAL A 41 -5.71 10.53 -10.51
C VAL A 41 -6.11 9.47 -9.51
N ILE A 42 -5.39 9.45 -8.39
CA ILE A 42 -5.64 8.55 -7.27
C ILE A 42 -5.66 9.37 -5.96
N LYS A 43 -5.96 8.72 -4.84
CA LYS A 43 -5.96 9.38 -3.53
C LYS A 43 -4.78 8.81 -2.74
N ARG A 44 -3.94 9.70 -2.19
CA ARG A 44 -2.76 9.29 -1.43
C ARG A 44 -2.99 9.52 0.06
N ALA A 45 -3.03 8.43 0.82
CA ALA A 45 -3.29 8.45 2.25
C ALA A 45 -2.03 8.49 3.10
N LEU A 46 -0.99 7.76 2.70
CA LEU A 46 0.29 7.75 3.41
C LEU A 46 1.40 7.84 2.36
N PRO A 47 2.49 8.56 2.62
CA PRO A 47 2.66 9.38 3.80
C PRO A 47 1.87 10.68 3.68
N SER A 48 1.55 11.29 4.82
CA SER A 48 0.87 12.59 4.86
C SER A 48 1.53 13.42 5.96
N ARG A 49 1.18 14.70 6.06
CA ARG A 49 1.82 15.57 7.05
C ARG A 49 1.50 15.10 8.47
N GLN A 50 0.32 14.53 8.69
CA GLN A 50 -0.07 14.04 10.03
C GLN A 50 0.37 12.61 10.32
N LYS A 51 0.71 11.83 9.31
CA LYS A 51 1.07 10.43 9.57
C LYS A 51 1.95 9.90 8.46
N ARG A 52 3.09 9.32 8.85
CA ARG A 52 4.01 8.79 7.85
C ARG A 52 3.97 7.28 7.75
N MSE A 53 3.74 6.61 8.87
CA MSE A 53 3.73 5.15 8.92
C MSE A 53 2.72 4.59 9.88
O MSE A 53 2.33 5.26 10.87
CB MSE A 53 5.11 4.66 9.38
CG MSE A 53 6.26 5.00 8.43
SE MSE A 53 7.95 4.36 9.21
CE MSE A 53 7.89 2.55 8.42
N ILE A 54 2.27 3.38 9.57
CA ILE A 54 1.35 2.60 10.42
C ILE A 54 2.04 1.24 10.42
N GLY A 55 2.67 0.89 11.53
CA GLY A 55 3.50 -0.30 11.56
C GLY A 55 4.56 -0.05 10.48
N ALA A 56 4.91 -1.09 9.73
CA ALA A 56 5.87 -0.95 8.62
C ALA A 56 5.24 -0.37 7.35
N TRP A 57 3.92 -0.19 7.32
CA TRP A 57 3.25 0.38 6.14
C TRP A 57 3.69 1.84 6.02
N CYS A 58 4.26 2.22 4.88
CA CYS A 58 4.81 3.56 4.73
C CYS A 58 4.33 4.31 3.51
N PHE A 59 3.34 3.77 2.80
CA PHE A 59 2.77 4.38 1.61
C PHE A 59 1.43 3.71 1.35
N LEU A 60 0.42 4.51 1.01
CA LEU A 60 -0.90 3.99 0.70
C LEU A 60 -1.64 4.89 -0.29
N ASP A 61 -1.91 4.33 -1.48
CA ASP A 61 -2.70 4.98 -2.53
C ASP A 61 -3.98 4.22 -2.73
N HIS A 62 -5.09 4.94 -2.88
CA HIS A 62 -6.38 4.33 -3.18
C HIS A 62 -6.67 4.72 -4.62
N ALA A 63 -6.72 3.73 -5.50
CA ALA A 63 -6.96 3.94 -6.92
C ALA A 63 -8.38 3.54 -7.26
N GLY A 64 -9.16 4.48 -7.76
CA GLY A 64 -10.54 4.20 -8.14
C GLY A 64 -11.47 4.15 -6.93
N PRO A 65 -12.67 3.59 -7.06
CA PRO A 65 -13.17 2.97 -8.29
C PRO A 65 -13.28 3.99 -9.42
N VAL A 66 -12.91 3.56 -10.63
CA VAL A 66 -13.00 4.48 -11.77
C VAL A 66 -13.18 3.67 -13.05
N THR A 67 -13.97 4.22 -13.97
CA THR A 67 -14.18 3.65 -15.29
C THR A 67 -13.60 4.64 -16.33
N PHE A 68 -12.88 4.11 -17.31
CA PHE A 68 -12.21 4.92 -18.33
C PHE A 68 -12.32 4.22 -19.70
N PRO A 69 -12.00 4.95 -20.78
CA PRO A 69 -12.10 4.31 -22.09
C PRO A 69 -11.08 3.21 -22.23
N ALA A 70 -11.44 2.15 -22.95
CA ALA A 70 -10.51 1.05 -23.18
C ALA A 70 -9.26 1.62 -23.85
N GLY A 71 -8.09 1.31 -23.28
CA GLY A 71 -6.83 1.85 -23.80
C GLY A 71 -6.26 3.00 -22.97
N ASN A 72 -7.08 3.60 -22.09
CA ASN A 72 -6.65 4.71 -21.24
C ASN A 72 -6.41 4.33 -19.78
N GLY A 73 -6.20 3.06 -19.50
CA GLY A 73 -5.95 2.63 -18.14
C GLY A 73 -4.58 3.09 -17.67
N LEU A 74 -4.26 2.75 -16.44
CA LEU A 74 -2.98 3.09 -15.82
C LEU A 74 -1.80 2.61 -16.67
N ASP A 75 -0.81 3.47 -16.83
CA ASP A 75 0.41 3.14 -17.54
C ASP A 75 1.57 3.77 -16.77
N VAL A 76 2.18 2.98 -15.89
CA VAL A 76 3.32 3.43 -15.08
C VAL A 76 4.54 2.81 -15.67
N GLY A 77 5.42 3.65 -16.22
CA GLY A 77 6.62 3.18 -16.86
C GLY A 77 7.70 2.74 -15.89
N PRO A 78 8.83 2.27 -16.43
CA PRO A 78 9.92 1.75 -15.63
C PRO A 78 10.40 2.71 -14.56
N HIS A 79 10.42 2.21 -13.32
CA HIS A 79 10.88 3.00 -12.21
C HIS A 79 11.37 2.03 -11.13
N PRO A 80 12.31 2.51 -10.31
CA PRO A 80 12.94 1.66 -9.32
C PRO A 80 12.32 1.77 -7.94
N HIS A 81 12.65 0.79 -7.10
CA HIS A 81 12.37 0.83 -5.68
C HIS A 81 13.54 0.18 -4.96
N ILE A 82 13.78 0.65 -3.73
CA ILE A 82 14.71 0.02 -2.81
C ILE A 82 14.11 0.04 -1.41
N GLY A 83 14.55 -0.91 -0.60
CA GLY A 83 14.25 -0.99 0.83
C GLY A 83 12.83 -1.23 1.27
N LEU A 84 12.04 -1.79 0.37
CA LEU A 84 10.62 -1.96 0.63
C LEU A 84 10.04 -3.12 -0.14
N GLN A 85 8.78 -3.40 0.16
CA GLN A 85 7.94 -4.29 -0.60
C GLN A 85 6.73 -3.48 -1.09
N THR A 86 6.32 -3.69 -2.33
CA THR A 86 5.07 -3.05 -2.84
C THR A 86 4.03 -4.12 -2.73
N PHE A 87 2.81 -3.70 -2.41
CA PHE A 87 1.71 -4.59 -2.11
C PHE A 87 0.52 -4.04 -2.87
N THR A 88 0.00 -4.81 -3.81
CA THR A 88 -1.15 -4.40 -4.58
C THR A 88 -2.36 -5.28 -4.23
N TRP A 89 -3.45 -4.65 -3.79
CA TRP A 89 -4.70 -5.36 -3.53
C TRP A 89 -5.62 -4.93 -4.64
N MSE A 90 -5.89 -5.84 -5.58
CA MSE A 90 -6.73 -5.55 -6.75
C MSE A 90 -8.15 -5.91 -6.42
O MSE A 90 -8.43 -7.08 -6.12
CB MSE A 90 -6.19 -6.34 -7.93
CG MSE A 90 -6.73 -5.84 -9.26
SE MSE A 90 -5.64 -4.25 -9.72
CE MSE A 90 -6.95 -3.21 -10.74
N ILE A 91 -9.05 -4.92 -6.44
CA ILE A 91 -10.46 -5.10 -6.10
C ILE A 91 -11.35 -5.28 -7.35
N GLU A 92 -11.14 -4.41 -8.34
N GLU A 92 -11.13 -4.43 -8.35
CA GLU A 92 -11.86 -4.45 -9.63
CA GLU A 92 -11.84 -4.56 -9.62
C GLU A 92 -10.91 -4.09 -10.75
C GLU A 92 -10.93 -4.09 -10.76
N GLY A 93 -11.07 -4.74 -11.90
CA GLY A 93 -10.22 -4.46 -13.05
C GLY A 93 -8.97 -5.34 -12.96
N THR A 94 -8.08 -5.14 -13.94
CA THR A 94 -6.86 -5.91 -14.07
C THR A 94 -5.66 -5.00 -14.37
N MSE A 95 -4.46 -5.52 -14.11
CA MSE A 95 -3.23 -4.76 -14.31
C MSE A 95 -2.09 -5.71 -14.63
O MSE A 95 -2.00 -6.77 -14.05
CB MSE A 95 -2.91 -4.06 -13.00
CG MSE A 95 -1.78 -3.05 -13.09
SE MSE A 95 -2.43 -1.44 -14.02
CE MSE A 95 -4.09 -1.04 -13.04
N MSE A 96 -1.22 -5.35 -15.56
CA MSE A 96 -0.08 -6.17 -15.92
C MSE A 96 1.14 -5.66 -15.18
O MSE A 96 1.52 -4.51 -15.32
CB MSE A 96 0.24 -6.19 -17.42
CG MSE A 96 1.41 -7.10 -17.81
SE MSE A 96 1.05 -9.03 -17.41
CE MSE A 96 0.00 -9.51 -19.00
N HIS A 97 1.72 -6.54 -14.37
CA HIS A 97 2.96 -6.27 -13.67
C HIS A 97 4.12 -6.85 -14.46
N THR A 98 5.16 -6.06 -14.69
CA THR A 98 6.39 -6.56 -15.32
C THR A 98 7.55 -6.03 -14.49
N ASP A 99 8.60 -6.80 -14.28
CA ASP A 99 9.71 -6.29 -13.48
C ASP A 99 11.03 -6.69 -14.10
N SER A 100 12.09 -6.12 -13.52
CA SER A 100 13.45 -6.32 -14.01
C SER A 100 13.99 -7.73 -13.77
N LEU A 101 13.27 -8.56 -13.01
CA LEU A 101 13.65 -9.96 -12.84
C LEU A 101 13.05 -10.83 -13.96
N GLY A 102 12.20 -10.23 -14.79
CA GLY A 102 11.53 -10.94 -15.87
C GLY A 102 10.13 -11.40 -15.49
N SER A 103 9.65 -11.06 -14.29
CA SER A 103 8.29 -11.43 -13.91
C SER A 103 7.32 -10.77 -14.87
N LYS A 104 6.23 -11.47 -15.17
CA LYS A 104 5.17 -10.98 -16.05
C LYS A 104 3.91 -11.55 -15.44
N GLN A 105 3.11 -10.73 -14.78
CA GLN A 105 1.94 -11.24 -14.07
C GLN A 105 0.75 -10.32 -14.15
N LEU A 106 -0.36 -10.88 -14.64
CA LEU A 106 -1.60 -10.14 -14.71
C LEU A 106 -2.25 -10.36 -13.38
N ILE A 107 -2.61 -9.26 -12.72
CA ILE A 107 -3.34 -9.36 -11.47
C ILE A 107 -4.82 -9.04 -11.72
N ARG A 108 -5.69 -9.88 -11.14
CA ARG A 108 -7.13 -9.80 -11.30
C ARG A 108 -7.82 -9.48 -9.96
N PRO A 109 -9.14 -9.26 -9.99
CA PRO A 109 -9.84 -8.97 -8.73
C PRO A 109 -9.66 -10.04 -7.64
N LYS A 110 -9.47 -9.57 -6.41
CA LYS A 110 -9.31 -10.37 -5.19
C LYS A 110 -7.99 -11.14 -5.15
N GLN A 111 -6.94 -10.49 -5.65
CA GLN A 111 -5.61 -11.06 -5.67
C GLN A 111 -4.62 -10.03 -5.16
N VAL A 112 -3.47 -10.53 -4.71
CA VAL A 112 -2.39 -9.70 -4.20
C VAL A 112 -1.10 -9.98 -4.95
N ASN A 113 -0.35 -8.91 -5.24
CA ASN A 113 0.99 -8.99 -5.79
C ASN A 113 1.90 -8.42 -4.72
N LEU A 114 2.99 -9.12 -4.38
CA LEU A 114 3.98 -8.64 -3.44
C LEU A 114 5.35 -8.61 -4.12
N MSE A 115 5.86 -7.41 -4.41
CA MSE A 115 7.17 -7.29 -5.02
C MSE A 115 8.12 -6.85 -3.95
O MSE A 115 7.92 -5.79 -3.37
CB MSE A 115 7.17 -6.25 -6.15
CG MSE A 115 8.54 -6.17 -6.77
SE MSE A 115 8.47 -4.82 -8.22
CE MSE A 115 8.33 -3.26 -7.06
N THR A 116 9.11 -7.67 -3.67
CA THR A 116 10.14 -7.33 -2.68
C THR A 116 11.26 -6.65 -3.44
N ALA A 117 11.45 -5.37 -3.19
CA ALA A 117 12.49 -4.61 -3.87
C ALA A 117 13.87 -4.85 -3.26
N GLY A 118 13.93 -4.82 -1.92
CA GLY A 118 15.17 -5.03 -1.16
C GLY A 118 16.27 -4.15 -1.70
N HIS A 119 17.39 -4.76 -2.06
CA HIS A 119 18.53 -4.03 -2.61
C HIS A 119 18.15 -3.21 -3.85
N GLY A 120 17.20 -3.70 -4.64
CA GLY A 120 16.76 -2.96 -5.79
C GLY A 120 16.07 -3.73 -6.86
N ILE A 121 15.10 -3.09 -7.50
CA ILE A 121 14.35 -3.66 -8.60
C ILE A 121 13.68 -2.53 -9.36
N SER A 122 13.26 -2.80 -10.59
CA SER A 122 12.43 -1.83 -11.30
C SER A 122 11.22 -2.57 -11.86
N HIS A 123 10.13 -1.85 -12.07
CA HIS A 123 8.91 -2.45 -12.58
C HIS A 123 8.04 -1.46 -13.35
N THR A 124 7.05 -2.04 -14.02
CA THR A 124 6.02 -1.31 -14.72
C THR A 124 4.67 -1.91 -14.31
N GLU A 125 3.64 -1.07 -14.35
N GLU A 125 3.64 -1.07 -14.33
CA GLU A 125 2.27 -1.48 -14.05
CA GLU A 125 2.27 -1.48 -14.04
C GLU A 125 1.43 -0.83 -15.14
C GLU A 125 1.46 -0.83 -15.16
N VAL A 126 0.88 -1.66 -16.03
CA VAL A 126 0.12 -1.19 -17.19
C VAL A 126 -1.17 -1.97 -17.36
N ALA A 127 -2.28 -1.25 -17.43
CA ALA A 127 -3.57 -1.89 -17.67
C ALA A 127 -3.64 -2.49 -19.08
N PRO A 128 -4.22 -3.69 -19.24
CA PRO A 128 -4.42 -4.24 -20.57
C PRO A 128 -5.19 -3.23 -21.45
N ASP A 129 -4.98 -3.25 -22.76
CA ASP A 129 -5.66 -2.22 -23.58
C ASP A 129 -7.18 -2.37 -23.73
N THR A 130 -7.72 -3.52 -23.31
CA THR A 130 -9.17 -3.73 -23.28
C THR A 130 -9.78 -3.38 -21.91
N GLU A 131 -8.94 -3.14 -20.90
CA GLU A 131 -9.42 -2.84 -19.54
C GLU A 131 -10.05 -1.45 -19.48
N THR A 132 -11.16 -1.35 -18.74
CA THR A 132 -11.92 -0.11 -18.59
C THR A 132 -12.16 0.28 -17.14
N GLN A 133 -11.70 -0.55 -16.19
CA GLN A 133 -11.94 -0.25 -14.79
C GLN A 133 -10.73 -0.50 -13.94
N MSE A 134 -10.69 0.21 -12.81
CA MSE A 134 -9.60 0.05 -11.86
C MSE A 134 -10.08 0.41 -10.48
O MSE A 134 -10.60 1.50 -10.28
CB MSE A 134 -8.43 0.96 -12.19
CG MSE A 134 -7.29 0.80 -11.17
SE MSE A 134 -5.84 2.08 -11.55
CE MSE A 134 -6.87 3.76 -11.41
N HIS A 135 -9.94 -0.53 -9.57
CA HIS A 135 -10.16 -0.26 -8.15
C HIS A 135 -9.10 -1.08 -7.42
N ALA A 136 -8.24 -0.40 -6.67
CA ALA A 136 -7.13 -1.05 -6.00
C ALA A 136 -6.56 -0.20 -4.86
N ALA A 137 -5.87 -0.86 -3.94
CA ALA A 137 -5.16 -0.17 -2.88
C ALA A 137 -3.72 -0.60 -3.12
N GLN A 138 -2.82 0.37 -3.24
CA GLN A 138 -1.39 0.09 -3.45
C GLN A 138 -0.64 0.58 -2.22
N LEU A 139 0.09 -0.31 -1.55
CA LEU A 139 0.84 0.07 -0.38
C LEU A 139 2.31 -0.28 -0.51
N TRP A 140 3.14 0.40 0.28
CA TRP A 140 4.55 -0.03 0.44
C TRP A 140 4.75 -0.42 1.89
N ILE A 141 5.62 -1.39 2.08
CA ILE A 141 6.01 -1.89 3.37
C ILE A 141 7.50 -1.64 3.53
N ALA A 142 7.90 -0.91 4.57
CA ALA A 142 9.33 -0.68 4.80
C ALA A 142 9.96 -1.97 5.34
N LEU A 143 11.04 -2.42 4.70
CA LEU A 143 11.74 -3.61 5.19
C LEU A 143 12.53 -3.28 6.44
N PRO A 144 12.60 -4.23 7.40
CA PRO A 144 13.38 -3.99 8.59
C PRO A 144 14.87 -3.90 8.26
N ASP A 145 15.65 -3.29 9.15
CA ASP A 145 17.09 -3.08 8.90
C ASP A 145 17.79 -4.31 8.36
N HIS A 146 17.54 -5.45 8.99
CA HIS A 146 18.22 -6.72 8.61
C HIS A 146 17.82 -7.36 7.25
N LYS A 147 16.76 -6.84 6.61
CA LYS A 147 16.28 -7.36 5.34
C LYS A 147 16.27 -6.29 4.24
N ARG A 148 16.59 -5.03 4.57
CA ARG A 148 16.43 -3.93 3.59
C ARG A 148 17.24 -4.10 2.31
N ASN A 149 18.36 -4.81 2.39
CA ASN A 149 19.20 -5.04 1.21
C ASN A 149 19.13 -6.46 0.66
N MSE A 150 18.08 -7.20 0.99
CA MSE A 150 17.92 -8.57 0.46
C MSE A 150 17.72 -8.58 -1.04
O MSE A 150 17.33 -7.56 -1.62
CB MSE A 150 16.70 -9.25 1.10
CG MSE A 150 15.36 -8.66 0.68
SE MSE A 150 13.91 -9.42 1.79
CE MSE A 150 13.77 -11.13 0.84
N ASP A 151 17.99 -9.73 -1.68
CA ASP A 151 17.74 -9.86 -3.12
C ASP A 151 16.28 -9.63 -3.41
N PRO A 152 15.99 -8.99 -4.54
CA PRO A 152 14.59 -8.75 -4.87
C PRO A 152 13.87 -10.03 -5.29
N LYS A 153 12.54 -10.01 -5.20
CA LYS A 153 11.72 -11.12 -5.65
C LYS A 153 10.28 -10.64 -5.88
N PHE A 154 9.53 -11.46 -6.58
CA PHE A 154 8.15 -11.16 -6.91
C PHE A 154 7.29 -12.39 -6.60
N GLU A 155 6.18 -12.17 -5.90
CA GLU A 155 5.26 -13.25 -5.50
C GLU A 155 3.84 -12.85 -5.80
N HIS A 156 3.06 -13.77 -6.36
CA HIS A 156 1.65 -13.51 -6.70
C HIS A 156 0.79 -14.43 -5.86
N TYR A 157 -0.29 -13.88 -5.30
CA TYR A 157 -1.23 -14.64 -4.44
C TYR A 157 -2.65 -14.55 -5.01
N PRO A 158 -3.10 -15.61 -5.68
CA PRO A 158 -4.42 -15.60 -6.30
C PRO A 158 -5.58 -15.83 -5.35
N ASP A 159 -5.28 -16.32 -4.16
CA ASP A 159 -6.30 -16.68 -3.17
C ASP A 159 -5.98 -16.19 -1.78
N LEU A 160 -6.81 -15.27 -1.30
CA LEU A 160 -6.66 -14.75 0.05
C LEU A 160 -7.83 -15.31 0.85
N PRO A 161 -7.58 -15.74 2.09
CA PRO A 161 -8.63 -16.40 2.87
C PRO A 161 -9.66 -15.42 3.41
N VAL A 162 -10.89 -15.91 3.51
CA VAL A 162 -12.02 -15.12 3.94
C VAL A 162 -12.68 -15.72 5.20
N VAL A 163 -12.97 -14.86 6.17
CA VAL A 163 -13.70 -15.25 7.38
C VAL A 163 -14.91 -14.34 7.46
N GLU A 164 -16.08 -14.91 7.71
CA GLU A 164 -17.30 -14.13 7.71
C GLU A 164 -18.05 -14.25 9.04
N LYS A 165 -18.35 -13.10 9.64
CA LYS A 165 -19.10 -13.01 10.89
C LYS A 165 -19.62 -11.60 11.13
N ASP A 166 -20.70 -11.49 11.88
CA ASP A 166 -21.32 -10.20 12.21
C ASP A 166 -21.73 -9.37 11.00
N GLY A 167 -22.10 -10.04 9.91
CA GLY A 167 -22.52 -9.34 8.69
C GLY A 167 -21.37 -8.76 7.86
N LEU A 168 -20.14 -9.13 8.21
CA LEU A 168 -18.95 -8.68 7.49
C LEU A 168 -18.20 -9.86 6.91
N GLU A 169 -17.59 -9.63 5.76
CA GLU A 169 -16.79 -10.62 5.09
C GLU A 169 -15.39 -10.03 5.15
N PHE A 170 -14.52 -10.65 5.96
CA PHE A 170 -13.16 -10.21 6.15
C PHE A 170 -12.22 -11.00 5.25
N THR A 171 -11.49 -10.33 4.38
CA THR A 171 -10.49 -11.01 3.56
C THR A 171 -9.15 -10.63 4.18
N VAL A 172 -8.43 -11.62 4.69
CA VAL A 172 -7.15 -11.37 5.33
C VAL A 172 -6.07 -11.28 4.24
N LEU A 173 -5.57 -10.08 4.03
CA LEU A 173 -4.59 -9.82 2.98
C LEU A 173 -3.19 -10.16 3.43
N VAL A 174 -2.87 -9.78 4.67
CA VAL A 174 -1.57 -10.08 5.25
C VAL A 174 -1.72 -10.22 6.77
N GLY A 175 -0.92 -11.09 7.35
CA GLY A 175 -0.92 -11.32 8.78
C GLY A 175 -2.04 -12.24 9.21
N GLU A 176 -2.43 -12.11 10.48
CA GLU A 176 -3.45 -12.97 11.11
C GLU A 176 -4.59 -12.14 11.69
N TYR A 177 -5.83 -12.50 11.32
CA TYR A 177 -7.00 -11.80 11.82
C TYR A 177 -8.11 -12.83 12.02
N LEU A 178 -8.77 -12.81 13.18
CA LEU A 178 -9.83 -13.79 13.51
C LEU A 178 -9.36 -15.23 13.25
N GLU A 179 -8.13 -15.50 13.69
CA GLU A 179 -7.48 -16.81 13.60
C GLU A 179 -7.35 -17.34 12.18
N THR A 180 -7.25 -16.42 11.23
CA THR A 180 -7.11 -16.75 9.82
C THR A 180 -5.84 -16.03 9.39
N THR A 181 -4.91 -16.78 8.82
CA THR A 181 -3.60 -16.25 8.44
C THR A 181 -3.40 -16.22 6.91
N SER A 182 -3.02 -15.07 6.40
CA SER A 182 -2.75 -14.92 4.97
C SER A 182 -1.43 -15.62 4.63
N PRO A 183 -1.34 -16.18 3.42
CA PRO A 183 -0.07 -16.78 3.00
C PRO A 183 0.99 -15.75 2.61
N VAL A 184 0.65 -14.46 2.60
CA VAL A 184 1.61 -13.44 2.18
C VAL A 184 2.74 -13.31 3.19
N VAL A 185 3.97 -13.49 2.72
CA VAL A 185 5.14 -13.45 3.61
C VAL A 185 5.79 -12.06 3.71
N VAL A 186 5.75 -11.52 4.93
CA VAL A 186 6.35 -10.22 5.24
C VAL A 186 7.33 -10.43 6.41
N HIS A 187 8.08 -9.38 6.72
CA HIS A 187 9.20 -9.49 7.67
C HIS A 187 9.08 -8.75 9.00
N THR A 188 7.93 -8.13 9.25
CA THR A 188 7.65 -7.50 10.55
C THR A 188 6.20 -7.82 10.91
N PRO A 189 5.79 -7.62 12.18
CA PRO A 189 4.39 -7.83 12.56
C PRO A 189 3.46 -6.83 11.88
N LEU A 190 2.62 -7.35 11.02
CA LEU A 190 1.80 -6.55 10.13
C LEU A 190 0.46 -7.21 9.88
N VAL A 191 -0.54 -6.39 9.59
CA VAL A 191 -1.84 -6.92 9.23
C VAL A 191 -2.53 -6.00 8.22
N GLY A 192 -3.33 -6.61 7.36
CA GLY A 192 -4.12 -5.91 6.36
C GLY A 192 -5.33 -6.75 6.10
N VAL A 193 -6.51 -6.14 6.18
CA VAL A 193 -7.78 -6.81 6.00
C VAL A 193 -8.74 -5.96 5.20
N ASP A 194 -9.40 -6.60 4.25
CA ASP A 194 -10.45 -5.96 3.48
C ASP A 194 -11.76 -6.43 4.10
N LEU A 195 -12.65 -5.50 4.43
CA LEU A 195 -13.95 -5.80 5.02
C LEU A 195 -15.07 -5.28 4.14
N ILE A 196 -16.05 -6.14 3.84
CA ILE A 196 -17.23 -5.71 3.09
C ILE A 196 -18.46 -6.18 3.86
N ALA A 197 -19.46 -5.30 3.94
CA ALA A 197 -20.69 -5.64 4.66
C ALA A 197 -21.65 -6.41 3.77
N THR A 198 -22.08 -7.57 4.24
CA THR A 198 -23.07 -8.40 3.52
C THR A 198 -24.48 -7.98 3.94
N GLN A 199 -24.58 -7.24 5.04
CA GLN A 199 -25.84 -6.70 5.55
C GLN A 199 -25.47 -5.49 6.39
N ASP A 200 -26.42 -4.58 6.61
CA ASP A 200 -26.16 -3.42 7.47
C ASP A 200 -25.72 -3.98 8.81
N THR A 201 -24.63 -3.45 9.36
CA THR A 201 -24.14 -3.97 10.61
C THR A 201 -23.40 -2.96 11.46
N LYS A 202 -23.42 -3.21 12.76
CA LYS A 202 -22.68 -2.45 13.74
C LYS A 202 -22.16 -3.48 14.69
N THR A 203 -20.85 -3.53 14.85
CA THR A 203 -20.24 -4.54 15.68
C THR A 203 -18.88 -4.11 16.13
N ARG A 204 -18.32 -4.82 17.10
CA ARG A 204 -16.99 -4.51 17.56
C ARG A 204 -16.03 -5.55 16.95
N ILE A 205 -14.91 -5.07 16.43
CA ILE A 205 -13.94 -5.95 15.82
C ILE A 205 -12.68 -5.96 16.67
N PRO A 206 -12.00 -7.11 16.75
CA PRO A 206 -10.84 -7.22 17.60
C PRO A 206 -9.61 -6.54 17.03
N LEU A 207 -8.77 -6.06 17.94
CA LEU A 207 -7.50 -5.40 17.58
C LEU A 207 -6.41 -5.90 18.53
N ASN A 208 -5.17 -5.85 18.06
CA ASN A 208 -3.99 -6.23 18.85
C ASN A 208 -3.52 -4.94 19.54
N PRO A 209 -3.49 -4.91 20.89
N PRO A 209 -3.46 -4.92 20.89
CA PRO A 209 -3.06 -3.70 21.62
CA PRO A 209 -3.04 -3.72 21.63
C PRO A 209 -1.64 -3.21 21.32
C PRO A 209 -1.63 -3.21 21.34
N GLU A 210 -0.77 -4.09 20.81
CA GLU A 210 0.61 -3.72 20.47
C GLU A 210 0.74 -3.08 19.09
N PHE A 211 -0.34 -3.11 18.31
CA PHE A 211 -0.36 -2.57 16.93
C PHE A 211 -0.99 -1.18 16.88
N GLU A 212 -0.56 -0.41 15.90
CA GLU A 212 -1.23 0.85 15.53
C GLU A 212 -2.00 0.46 14.29
N TYR A 213 -3.08 1.18 14.00
CA TYR A 213 -3.96 0.87 12.87
C TYR A 213 -4.40 2.07 12.07
N GLY A 214 -4.84 1.79 10.85
CA GLY A 214 -5.42 2.79 9.97
C GLY A 214 -6.61 2.16 9.28
N PHE A 215 -7.67 2.96 9.09
CA PHE A 215 -8.88 2.57 8.39
C PHE A 215 -9.13 3.52 7.21
N MSE A 216 -9.48 2.96 6.08
CA MSE A 216 -9.80 3.78 4.90
C MSE A 216 -11.00 3.18 4.25
O MSE A 216 -11.10 1.96 4.15
CB MSE A 216 -8.64 3.78 3.92
CG MSE A 216 -8.83 4.86 2.88
SE MSE A 216 -7.32 4.80 1.62
CE MSE A 216 -7.53 3.00 0.98
N ALA A 217 -11.96 4.02 3.86
CA ALA A 217 -13.13 3.53 3.13
C ALA A 217 -12.72 3.22 1.72
N LEU A 218 -12.92 1.99 1.28
CA LEU A 218 -12.62 1.60 -0.11
C LEU A 218 -13.78 1.91 -1.03
N ASP A 219 -15.00 1.66 -0.54
CA ASP A 219 -16.18 1.89 -1.34
C ASP A 219 -17.25 2.33 -0.37
N GLY A 220 -17.84 3.49 -0.65
CA GLY A 220 -18.86 4.03 0.19
C GLY A 220 -18.30 4.68 1.44
N VAL A 221 -19.08 4.65 2.50
CA VAL A 221 -18.67 5.23 3.77
C VAL A 221 -18.84 4.21 4.88
N ALA A 222 -18.23 4.51 6.01
CA ALA A 222 -18.37 3.68 7.19
C ALA A 222 -18.10 4.56 8.40
N HIS A 223 -18.24 3.99 9.59
CA HIS A 223 -17.96 4.72 10.82
C HIS A 223 -17.11 3.87 11.73
N VAL A 224 -16.09 4.48 12.32
CA VAL A 224 -15.19 3.79 13.23
C VAL A 224 -15.26 4.58 14.51
N ASN A 225 -15.79 3.97 15.57
CA ASN A 225 -16.01 4.62 16.86
C ASN A 225 -16.73 5.98 16.66
N GLY A 226 -17.72 5.98 15.78
CA GLY A 226 -18.48 7.20 15.49
C GLY A 226 -17.88 8.18 14.49
N HIS A 227 -16.60 8.03 14.15
CA HIS A 227 -15.94 8.90 13.17
C HIS A 227 -16.28 8.39 11.78
N GLU A 228 -16.77 9.27 10.91
CA GLU A 228 -17.12 8.90 9.55
C GLU A 228 -15.89 8.69 8.66
N LEU A 229 -15.88 7.58 7.94
CA LEU A 229 -14.84 7.28 6.96
C LEU A 229 -15.40 7.56 5.58
N THR A 230 -14.73 8.44 4.83
CA THR A 230 -15.18 8.78 3.48
C THR A 230 -14.05 8.52 2.53
N ALA A 231 -14.29 8.77 1.25
CA ALA A 231 -13.26 8.62 0.25
C ALA A 231 -12.20 9.73 0.37
N ASP A 232 -12.41 10.68 1.28
CA ASP A 232 -11.45 11.80 1.42
C ASP A 232 -10.75 11.92 2.78
N ASN A 233 -10.79 10.87 3.58
CA ASN A 233 -10.08 10.88 4.86
C ASN A 233 -9.59 9.51 5.25
N MSE A 234 -8.95 9.46 6.42
CA MSE A 234 -8.46 8.23 6.99
C MSE A 234 -8.57 8.39 8.48
O MSE A 234 -8.44 9.51 9.00
CB MSE A 234 -7.02 8.05 6.57
CG MSE A 234 -6.23 7.14 7.49
SE MSE A 234 -4.58 6.62 6.56
CE MSE A 234 -5.02 4.70 6.60
N VAL A 235 -8.85 7.30 9.18
CA VAL A 235 -8.91 7.28 10.65
C VAL A 235 -7.75 6.41 11.13
N VAL A 236 -6.94 6.93 12.06
N VAL A 236 -6.95 6.93 12.07
CA VAL A 236 -5.79 6.17 12.58
CA VAL A 236 -5.78 6.24 12.59
C VAL A 236 -5.92 5.98 14.08
C VAL A 236 -5.87 6.02 14.10
N LEU A 237 -5.43 4.84 14.56
CA LEU A 237 -5.45 4.48 15.98
C LEU A 237 -4.05 4.29 16.54
N ASP A 238 -3.80 4.85 17.73
CA ASP A 238 -2.53 4.63 18.43
C ASP A 238 -2.59 3.25 19.05
N THR A 239 -1.45 2.75 19.52
CA THR A 239 -1.42 1.44 20.17
C THR A 239 -2.23 1.51 21.47
N GLY A 240 -2.74 0.36 21.92
CA GLY A 240 -3.46 0.28 23.20
C GLY A 240 -4.86 -0.29 23.20
N LEU A 241 -5.55 -0.28 22.06
CA LEU A 241 -6.93 -0.80 22.03
C LEU A 241 -6.99 -2.29 21.74
N ASN A 242 -7.94 -2.96 22.39
N ASN A 242 -7.93 -2.99 22.38
CA ASN A 242 -8.17 -4.39 22.24
CA ASN A 242 -8.13 -4.42 22.15
C ASN A 242 -9.33 -4.69 21.27
C ASN A 242 -9.32 -4.69 21.24
N GLU A 243 -10.16 -3.68 21.02
CA GLU A 243 -11.33 -3.81 20.13
C GLU A 243 -11.76 -2.41 19.69
N ILE A 244 -12.59 -2.35 18.65
CA ILE A 244 -13.16 -1.09 18.21
C ILE A 244 -14.50 -1.30 17.50
N GLU A 245 -15.42 -0.37 17.72
CA GLU A 245 -16.75 -0.41 17.11
C GLU A 245 -16.78 0.20 15.72
N ILE A 246 -17.42 -0.49 14.77
CA ILE A 246 -17.57 0.03 13.41
C ILE A 246 -19.01 -0.11 12.97
N GLU A 247 -19.43 0.72 12.01
CA GLU A 247 -20.77 0.67 11.44
C GLU A 247 -20.58 0.67 9.95
N VAL A 248 -21.17 -0.30 9.28
CA VAL A 248 -21.02 -0.42 7.84
C VAL A 248 -22.32 -0.91 7.21
N LYS A 249 -22.86 -0.09 6.31
CA LYS A 249 -24.06 -0.44 5.57
C LYS A 249 -23.71 -1.48 4.50
N LYS A 250 -24.66 -2.35 4.20
CA LYS A 250 -24.50 -3.41 3.21
C LYS A 250 -23.84 -2.89 1.92
N GLY A 251 -22.87 -3.65 1.41
CA GLY A 251 -22.17 -3.29 0.17
C GLY A 251 -20.97 -2.36 0.33
N ASN A 252 -20.87 -1.63 1.44
CA ASN A 252 -19.72 -0.75 1.64
C ASN A 252 -18.48 -1.55 2.10
N ARG A 253 -17.32 -1.07 1.69
CA ARG A 253 -16.05 -1.77 1.90
C ARG A 253 -15.01 -0.85 2.58
N VAL A 254 -14.26 -1.45 3.51
CA VAL A 254 -13.26 -0.77 4.32
C VAL A 254 -11.93 -1.53 4.31
N LEU A 255 -10.82 -0.78 4.31
CA LEU A 255 -9.49 -1.36 4.43
C LEU A 255 -8.97 -1.07 5.83
N LEU A 256 -8.50 -2.11 6.51
CA LEU A 256 -7.89 -2.01 7.82
C LEU A 256 -6.44 -2.45 7.66
N ILE A 257 -5.50 -1.59 8.05
CA ILE A 257 -4.08 -1.95 8.05
C ILE A 257 -3.54 -1.68 9.42
N GLY A 258 -2.53 -2.45 9.80
CA GLY A 258 -1.93 -2.23 11.07
C GLY A 258 -0.61 -2.92 11.23
N GLY A 259 0.04 -2.61 12.34
CA GLY A 259 1.29 -3.24 12.67
C GLY A 259 1.96 -2.67 13.89
N GLU A 260 2.99 -3.36 14.33
CA GLU A 260 3.81 -2.93 15.43
C GLU A 260 4.58 -1.67 15.05
N PRO A 261 4.62 -0.64 15.93
CA PRO A 261 5.36 0.55 15.55
C PRO A 261 6.78 0.22 15.06
N PHE A 262 7.14 0.81 13.93
CA PHE A 262 8.44 0.61 13.31
C PHE A 262 9.44 1.50 14.05
N GLU A 263 10.27 0.88 14.87
CA GLU A 263 11.19 1.62 15.76
C GLU A 263 12.28 2.44 15.07
N THR A 264 12.92 1.88 14.04
CA THR A 264 14.02 2.57 13.38
C THR A 264 13.58 3.73 12.47
N PRO A 265 14.18 4.92 12.65
CA PRO A 265 13.84 6.01 11.72
C PRO A 265 14.25 5.66 10.29
N ILE A 266 13.40 5.97 9.33
CA ILE A 266 13.71 5.72 7.92
C ILE A 266 13.62 7.02 7.16
N LEU A 267 14.18 7.01 5.96
CA LEU A 267 14.08 8.13 5.04
C LEU A 267 13.32 7.60 3.85
N LEU A 268 12.22 8.26 3.50
CA LEU A 268 11.48 7.89 2.32
C LEU A 268 11.53 9.09 1.39
N TRP A 269 12.02 8.85 0.18
CA TRP A 269 12.13 9.88 -0.82
C TRP A 269 11.88 9.25 -2.16
N TRP A 270 10.97 9.85 -2.92
CA TRP A 270 10.59 9.34 -4.24
C TRP A 270 10.18 7.86 -4.10
N ASN A 271 10.85 6.96 -4.78
CA ASN A 271 10.48 5.54 -4.72
C ASN A 271 11.38 4.73 -3.82
N PHE A 272 12.19 5.43 -3.02
CA PHE A 272 13.17 4.78 -2.20
C PHE A 272 12.94 4.89 -0.70
N VAL A 273 13.13 3.77 -0.02
CA VAL A 273 13.14 3.74 1.43
C VAL A 273 14.55 3.34 1.87
N ALA A 274 15.17 4.21 2.65
CA ALA A 274 16.54 3.99 3.08
C ALA A 274 16.77 4.49 4.50
N ARG A 275 18.02 4.70 4.86
CA ARG A 275 18.38 5.15 6.20
C ARG A 275 19.24 6.41 6.22
N THR A 276 20.08 6.62 5.22
CA THR A 276 20.95 7.80 5.18
C THR A 276 20.83 8.55 3.87
N MSE A 277 21.29 9.80 3.86
N MSE A 277 21.31 9.79 3.87
CA MSE A 277 21.27 10.63 2.65
CA MSE A 277 21.28 10.64 2.67
C MSE A 277 22.15 10.01 1.59
C MSE A 277 22.16 10.04 1.60
O MSE A 277 21.80 10.00 0.42
O MSE A 277 21.82 10.08 0.42
CB MSE A 277 21.75 12.06 2.89
CB MSE A 277 21.73 12.05 3.02
CG MSE A 277 20.73 12.91 3.66
CG MSE A 277 21.92 12.87 1.75
SE MSE A 277 18.98 13.04 2.73
SE MSE A 277 20.17 13.25 0.93
CE MSE A 277 19.57 13.64 0.96
CE MSE A 277 19.07 13.21 2.56
N ASP A 278 23.30 9.47 2.01
CA ASP A 278 24.23 8.82 1.06
C ASP A 278 23.56 7.61 0.38
N ASP A 279 22.71 6.87 1.10
CA ASP A 279 21.95 5.75 0.48
C ASP A 279 21.15 6.28 -0.71
N LEU A 280 20.45 7.39 -0.50
CA LEU A 280 19.60 8.00 -1.53
C LEU A 280 20.41 8.57 -2.69
N LYS A 281 21.49 9.28 -2.37
CA LYS A 281 22.36 9.84 -3.41
C LYS A 281 22.89 8.75 -4.32
N GLU A 282 23.36 7.66 -3.71
CA GLU A 282 23.91 6.53 -4.44
C GLU A 282 22.87 5.90 -5.36
N ALA A 283 21.72 5.58 -4.80
CA ALA A 283 20.62 4.98 -5.54
C ALA A 283 20.11 5.87 -6.67
N ARG A 284 19.99 7.17 -6.43
CA ARG A 284 19.52 8.09 -7.46
C ARG A 284 20.50 8.11 -8.64
N GLU A 285 21.79 8.22 -8.31
CA GLU A 285 22.86 8.21 -9.31
C GLU A 285 22.79 6.93 -10.14
N GLN A 286 22.62 5.80 -9.47
CA GLN A 286 22.54 4.50 -10.16
C GLN A 286 21.34 4.41 -11.11
N TRP A 287 20.20 4.99 -10.72
CA TRP A 287 19.05 5.01 -11.60
C TRP A 287 19.32 5.89 -12.82
N VAL A 288 19.81 7.10 -12.59
CA VAL A 288 20.10 8.06 -13.67
C VAL A 288 21.11 7.48 -14.65
N ASN A 289 22.05 6.70 -14.14
CA ASN A 289 23.08 6.09 -14.97
C ASN A 289 22.80 4.67 -15.49
N HIS A 290 21.55 4.19 -15.36
CA HIS A 290 21.18 2.83 -15.87
C HIS A 290 22.02 1.70 -15.29
N ASP A 291 22.33 1.83 -14.01
CA ASP A 291 23.15 0.85 -13.32
C ASP A 291 22.43 -0.50 -13.23
N VAL A 292 23.21 -1.58 -13.27
N VAL A 292 23.21 -1.59 -13.26
CA VAL A 292 22.66 -2.94 -13.17
CA VAL A 292 22.66 -2.95 -13.17
C VAL A 292 21.79 -3.17 -11.93
C VAL A 292 21.86 -3.23 -11.89
N ARG A 293 21.98 -2.35 -10.89
CA ARG A 293 21.19 -2.48 -9.65
C ARG A 293 19.69 -2.52 -9.94
N PHE A 294 19.26 -1.74 -10.93
CA PHE A 294 17.84 -1.65 -11.26
C PHE A 294 17.41 -2.40 -12.52
N GLY A 295 18.38 -2.97 -13.23
CA GLY A 295 18.11 -3.75 -14.43
C GLY A 295 17.45 -2.97 -15.54
N GLU A 296 16.74 -3.69 -16.40
N GLU A 296 16.73 -3.69 -16.39
CA GLU A 296 16.03 -3.11 -17.55
CA GLU A 296 16.02 -3.10 -17.53
C GLU A 296 14.72 -3.84 -17.74
C GLU A 296 14.72 -3.84 -17.74
N ILE A 297 13.78 -3.19 -18.40
CA ILE A 297 12.48 -3.77 -18.74
C ILE A 297 12.37 -3.54 -20.25
N PRO A 298 13.02 -4.42 -21.02
CA PRO A 298 13.10 -4.23 -22.48
C PRO A 298 11.78 -4.20 -23.24
N ASP A 299 10.74 -4.91 -22.76
CA ASP A 299 9.46 -4.97 -23.49
C ASP A 299 8.57 -3.73 -23.35
N TYR A 300 8.92 -2.79 -22.46
CA TYR A 300 8.11 -1.60 -22.27
C TYR A 300 8.23 -0.60 -23.41
N VAL A 301 7.09 -0.09 -23.87
CA VAL A 301 7.04 0.89 -24.92
C VAL A 301 6.77 2.24 -24.28
N GLY A 302 7.76 3.11 -24.28
CA GLY A 302 7.58 4.44 -23.72
C GLY A 302 8.75 4.90 -22.90
N ALA A 303 8.52 5.99 -22.19
CA ALA A 303 9.55 6.62 -21.40
C ALA A 303 9.78 5.94 -20.03
N ARG A 304 11.06 5.79 -19.73
CA ARG A 304 11.56 5.33 -18.46
C ARG A 304 11.33 6.53 -17.55
N LEU A 305 10.83 6.33 -16.34
CA LEU A 305 10.54 7.48 -15.47
C LEU A 305 11.83 8.12 -14.94
N GLU A 306 11.74 9.41 -14.63
CA GLU A 306 12.90 10.19 -14.17
C GLU A 306 12.85 10.56 -12.69
N ALA A 307 14.02 10.58 -12.08
CA ALA A 307 14.14 10.91 -10.67
C ALA A 307 14.05 12.41 -10.46
N PRO A 308 13.26 12.87 -9.48
CA PRO A 308 13.24 14.30 -9.18
C PRO A 308 14.53 14.71 -8.48
N VAL A 309 14.71 16.01 -8.23
N VAL A 309 14.71 16.02 -8.24
CA VAL A 309 15.90 16.49 -7.54
CA VAL A 309 15.92 16.52 -7.57
C VAL A 309 15.88 15.95 -6.13
C VAL A 309 15.91 16.11 -6.09
N LEU A 310 17.06 15.65 -5.61
CA LEU A 310 17.20 15.18 -4.26
C LEU A 310 17.64 16.36 -3.41
N PRO A 311 16.80 16.79 -2.44
CA PRO A 311 17.23 17.89 -1.56
C PRO A 311 18.45 17.46 -0.73
N ASP A 312 19.29 18.41 -0.35
CA ASP A 312 20.51 18.08 0.44
C ASP A 312 20.22 17.64 1.89
N GLN A 313 19.06 18.03 2.41
CA GLN A 313 18.68 17.71 3.79
C GLN A 313 17.20 17.33 3.85
N MSE A 314 16.90 16.32 4.67
N MSE A 314 16.89 16.31 4.65
CA MSE A 314 15.51 15.91 4.86
CA MSE A 314 15.52 15.81 4.81
C MSE A 314 15.37 15.24 6.19
C MSE A 314 15.34 15.17 6.15
O MSE A 314 16.30 14.60 6.69
O MSE A 314 16.26 14.48 6.63
CB MSE A 314 14.99 15.02 3.73
CB MSE A 314 15.20 14.76 3.74
CG MSE A 314 15.21 13.52 3.98
CG MSE A 314 15.29 15.28 2.31
SE MSE A 314 14.38 12.53 2.50
SE MSE A 314 14.85 13.83 1.07
CE MSE A 314 15.61 13.05 1.03
CE MSE A 314 15.22 12.35 2.33
N ARG A 315 14.18 15.37 6.77
CA ARG A 315 13.89 14.77 8.07
C ARG A 315 13.50 13.29 7.89
N ALA A 316 13.87 12.48 8.88
CA ALA A 316 13.56 11.06 8.91
C ALA A 316 12.13 10.87 9.44
N SER A 317 11.68 9.62 9.47
CA SER A 317 10.33 9.28 9.91
C SER A 317 10.04 9.63 11.38
N LYS A 318 11.10 9.72 12.20
CA LYS A 318 10.98 10.05 13.64
C LYS A 318 12.22 10.81 14.12
MN MN B . 6.15 1.24 -8.12
BR BR C . -16.20 2.35 -11.53
BR BR D . -14.03 0.08 -10.65
#